data_2H1Y
#
_entry.id   2H1Y
#
_cell.length_a   43.616
_cell.length_b   76.175
_cell.length_c   99.768
_cell.angle_alpha   90.00
_cell.angle_beta   101.22
_cell.angle_gamma   90.00
#
_symmetry.space_group_name_H-M   'P 1 21 1'
#
loop_
_entity.id
_entity.type
_entity.pdbx_description
1 polymer 'Malonyl coenzyme A-acyl carrier protein transacylase'
2 water water
#
_entity_poly.entity_id   1
_entity_poly.type   'polypeptide(L)'
_entity_poly.pdbx_seq_one_letter_code
;MRGSHHHHHHGSMQYALLFPGQGSQCIGMGKSFYEGHTLAKELFERASNALKVDMKKTLFEENELLKESAYTQPAIYLVS
YIAYQLLNKQANGGLKPVFALGHSLGEVSAVSLSGALDFEKALKLTHQRGKMMQEACANKDASMMVVLGVSEESLLSLCQ
RTKNVWCANFNGGMQVVLAGVKDDLKALEPTLKEMGAKRVVFLEMSVASHCPFLEPMIFKFQELLEKSLKDKFHFEIISN
ATNEAYHNKAKAVELLSLQLTQPVRYQDCVKSNNDRVDIFFELGCGSVLKGLNKRLSNKPTISVGDNKGLDEAIEFLEEY
V
;
_entity_poly.pdbx_strand_id   A,B
#
# COMPACT_ATOMS: atom_id res chain seq x y z
N SER A 12 -11.53 3.09 -5.95
CA SER A 12 -10.67 2.49 -4.89
C SER A 12 -10.43 1.00 -5.17
N MET A 13 -9.18 0.68 -5.55
CA MET A 13 -8.81 -0.64 -6.08
C MET A 13 -9.01 -1.79 -5.11
N GLN A 14 -8.78 -3.00 -5.59
CA GLN A 14 -9.15 -4.21 -4.86
C GLN A 14 -8.13 -5.29 -5.06
N TYR A 15 -8.01 -6.18 -4.08
CA TYR A 15 -6.85 -7.04 -4.03
C TYR A 15 -7.12 -8.53 -3.76
N ALA A 16 -6.21 -9.35 -4.26
CA ALA A 16 -6.12 -10.76 -3.92
C ALA A 16 -4.82 -11.10 -3.16
N LEU A 17 -4.86 -12.19 -2.40
CA LEU A 17 -3.71 -12.64 -1.62
C LEU A 17 -3.10 -13.86 -2.30
N LEU A 18 -1.77 -13.92 -2.31
CA LEU A 18 -1.08 -15.07 -2.87
C LEU A 18 -0.20 -15.70 -1.82
N PHE A 19 -0.29 -17.02 -1.69
CA PHE A 19 0.45 -17.79 -0.70
C PHE A 19 1.41 -18.80 -1.38
N PRO A 20 2.74 -18.59 -1.20
CA PRO A 20 3.70 -19.40 -1.90
C PRO A 20 3.86 -20.76 -1.23
N GLY A 21 4.41 -21.70 -1.98
CA GLY A 21 4.68 -23.06 -1.54
C GLY A 21 6.15 -23.38 -1.68
N GLN A 22 6.44 -24.66 -1.87
CA GLN A 22 7.81 -25.15 -1.80
C GLN A 22 8.70 -24.58 -2.92
N GLY A 23 9.95 -24.28 -2.56
CA GLY A 23 10.87 -23.49 -3.40
C GLY A 23 11.05 -22.01 -3.01
N SER A 24 10.27 -21.53 -2.04
CA SER A 24 10.33 -20.13 -1.59
C SER A 24 10.98 -19.98 -0.21
N GLN A 25 11.17 -21.10 0.49
CA GLN A 25 11.93 -21.08 1.73
C GLN A 25 13.36 -20.61 1.45
N CYS A 26 13.96 -19.96 2.45
CA CYS A 26 15.29 -19.41 2.33
C CYS A 26 15.91 -19.20 3.68
N ILE A 27 17.24 -19.31 3.75
CA ILE A 27 17.95 -18.96 4.98
C ILE A 27 17.74 -17.45 5.21
N GLY A 28 17.18 -17.11 6.36
CA GLY A 28 16.79 -15.71 6.65
C GLY A 28 15.33 -15.36 6.39
N MET A 29 14.55 -16.39 6.08
CA MET A 29 13.12 -16.27 5.75
C MET A 29 12.29 -15.16 6.37
N GLY A 30 12.24 -15.14 7.70
CA GLY A 30 11.39 -14.15 8.34
C GLY A 30 12.19 -13.26 9.27
N LYS A 31 13.51 -13.24 9.07
CA LYS A 31 14.45 -12.48 9.91
C LYS A 31 13.99 -11.04 10.09
N SER A 32 13.81 -10.34 8.97
CA SER A 32 13.41 -8.94 8.97
C SER A 32 12.16 -8.69 9.82
N PHE A 33 11.16 -9.55 9.67
CA PHE A 33 9.92 -9.44 10.46
C PHE A 33 10.22 -9.52 11.95
N TYR A 34 10.88 -10.62 12.33
CA TYR A 34 11.25 -10.96 13.69
C TYR A 34 11.84 -9.80 14.45
N GLU A 35 12.80 -9.10 13.83
CA GLU A 35 13.52 -8.00 14.48
C GLU A 35 12.77 -6.70 14.53
N GLY A 36 11.89 -6.46 13.56
CA GLY A 36 11.12 -5.21 13.53
C GLY A 36 9.82 -5.23 14.33
N HIS A 37 9.34 -6.41 14.71
CA HIS A 37 8.02 -6.52 15.33
C HIS A 37 7.93 -7.57 16.43
N THR A 38 7.44 -7.13 17.59
CA THR A 38 7.16 -7.99 18.74
C THR A 38 6.22 -9.13 18.38
N LEU A 39 5.23 -8.84 17.55
CA LEU A 39 4.25 -9.86 17.14
C LEU A 39 4.99 -11.00 16.43
N ALA A 40 5.94 -10.64 15.56
CA ALA A 40 6.69 -11.64 14.82
C ALA A 40 7.50 -12.49 15.81
N LYS A 41 8.10 -11.82 16.79
CA LYS A 41 8.88 -12.53 17.79
C LYS A 41 8.01 -13.54 18.53
N GLU A 42 6.81 -13.12 18.89
CA GLU A 42 5.92 -13.95 19.68
C GLU A 42 5.46 -15.19 18.92
N LEU A 43 5.27 -15.06 17.61
CA LEU A 43 4.76 -16.17 16.84
C LEU A 43 5.86 -17.19 16.60
N PHE A 44 7.09 -16.71 16.46
CA PHE A 44 8.26 -17.62 16.44
C PHE A 44 8.35 -18.50 17.68
N GLU A 45 8.14 -17.90 18.86
CA GLU A 45 8.13 -18.64 20.12
C GLU A 45 7.02 -19.67 20.15
N ARG A 46 5.79 -19.20 19.92
CA ARG A 46 4.63 -20.07 19.82
C ARG A 46 4.87 -21.24 18.87
N ALA A 47 5.50 -20.95 17.73
CA ALA A 47 5.88 -21.96 16.74
C ALA A 47 6.92 -22.94 17.29
N SER A 48 8.01 -22.44 17.85
CA SER A 48 9.06 -23.28 18.45
C SER A 48 8.50 -24.27 19.48
N ASN A 49 7.61 -23.79 20.35
CA ASN A 49 6.90 -24.66 21.31
C ASN A 49 6.02 -25.70 20.65
N ALA A 50 5.16 -25.25 19.72
CA ALA A 50 4.19 -26.15 19.09
C ALA A 50 4.89 -27.30 18.36
N LEU A 51 5.95 -26.98 17.62
CA LEU A 51 6.62 -27.97 16.81
C LEU A 51 7.73 -28.66 17.57
N LYS A 52 8.05 -28.10 18.74
CA LYS A 52 9.02 -28.73 19.64
C LYS A 52 10.36 -28.82 18.94
N VAL A 53 10.67 -27.77 18.19
CA VAL A 53 11.97 -27.57 17.52
C VAL A 53 12.22 -26.07 17.55
N ASP A 54 13.49 -25.65 17.54
CA ASP A 54 13.78 -24.21 17.55
C ASP A 54 13.57 -23.70 16.15
N MET A 55 12.61 -22.79 16.01
CA MET A 55 12.23 -22.26 14.72
C MET A 55 13.02 -21.03 14.30
N LYS A 56 13.60 -20.33 15.28
CA LYS A 56 14.50 -19.21 15.01
C LYS A 56 15.70 -19.72 14.23
N LYS A 57 16.32 -20.76 14.76
CA LYS A 57 17.56 -21.27 14.20
C LYS A 57 17.30 -22.04 12.92
N THR A 58 16.16 -22.75 12.88
CA THR A 58 15.76 -23.47 11.69
C THR A 58 15.51 -22.55 10.50
N LEU A 59 15.06 -21.32 10.75
CA LEU A 59 14.86 -20.39 9.64
C LEU A 59 16.04 -19.46 9.34
N PHE A 60 16.89 -19.20 10.33
CA PHE A 60 17.90 -18.11 10.20
C PHE A 60 19.33 -18.51 9.80
N GLU A 61 19.79 -19.64 10.32
CA GLU A 61 21.16 -20.11 10.10
C GLU A 61 21.16 -21.47 9.40
N GLU A 62 22.18 -21.73 8.57
CA GLU A 62 22.31 -22.98 7.83
C GLU A 62 22.13 -24.17 8.78
N ASN A 63 21.25 -25.12 8.47
CA ASN A 63 20.85 -26.09 9.51
C ASN A 63 20.62 -27.56 9.17
N GLU A 64 20.34 -27.89 7.90
CA GLU A 64 20.05 -29.28 7.49
C GLU A 64 18.58 -29.75 7.66
N LEU A 65 17.84 -29.17 8.62
CA LEU A 65 16.45 -29.59 8.92
C LEU A 65 15.41 -28.89 8.02
N LEU A 66 15.57 -27.58 7.85
CA LEU A 66 14.76 -26.76 6.94
C LEU A 66 14.71 -27.33 5.52
N LYS A 67 15.58 -28.28 5.23
CA LYS A 67 15.60 -28.96 3.93
C LYS A 67 14.50 -30.00 3.80
N GLU A 68 14.00 -30.50 4.92
CA GLU A 68 12.95 -31.52 4.91
C GLU A 68 11.57 -30.90 4.68
N SER A 69 10.79 -31.50 3.78
CA SER A 69 9.39 -31.14 3.57
C SER A 69 8.64 -30.94 4.89
N ALA A 70 8.95 -31.75 5.89
CA ALA A 70 8.27 -31.63 7.18
C ALA A 70 8.57 -30.31 7.90
N TYR A 71 9.70 -29.69 7.59
CA TYR A 71 10.02 -28.41 8.21
C TYR A 71 9.92 -27.21 7.28
N THR A 72 10.08 -27.47 5.99
CA THR A 72 9.85 -26.45 4.98
C THR A 72 8.39 -25.96 4.96
N GLN A 73 7.47 -26.92 4.84
CA GLN A 73 6.05 -26.59 4.76
C GLN A 73 5.58 -25.68 5.92
N PRO A 74 5.87 -26.04 7.19
CA PRO A 74 5.49 -25.12 8.27
C PRO A 74 6.33 -23.85 8.38
N ALA A 75 7.53 -23.82 7.82
CA ALA A 75 8.33 -22.59 7.85
C ALA A 75 7.72 -21.55 6.91
N ILE A 76 7.37 -22.01 5.70
CA ILE A 76 6.71 -21.15 4.72
C ILE A 76 5.39 -20.67 5.34
N TYR A 77 4.61 -21.59 5.90
CA TYR A 77 3.37 -21.13 6.56
C TYR A 77 3.66 -20.04 7.58
N LEU A 78 4.74 -20.22 8.34
CA LEU A 78 5.06 -19.30 9.43
C LEU A 78 5.23 -17.87 8.94
N VAL A 79 6.09 -17.67 7.96
CA VAL A 79 6.32 -16.35 7.43
C VAL A 79 5.04 -15.78 6.75
N SER A 80 4.34 -16.60 5.96
CA SER A 80 3.05 -16.17 5.41
C SER A 80 2.10 -15.64 6.51
N TYR A 81 2.00 -16.41 7.60
CA TYR A 81 1.12 -16.06 8.74
C TYR A 81 1.50 -14.72 9.29
N ILE A 82 2.80 -14.54 9.55
CA ILE A 82 3.32 -13.30 10.14
C ILE A 82 3.10 -12.11 9.20
N ALA A 83 3.50 -12.27 7.94
CA ALA A 83 3.19 -11.29 6.90
C ALA A 83 1.74 -10.86 6.96
N TYR A 84 0.82 -11.82 7.09
CA TYR A 84 -0.61 -11.52 7.13
C TYR A 84 -1.04 -10.69 8.36
N GLN A 85 -0.64 -11.14 9.55
CA GLN A 85 -0.91 -10.43 10.81
C GLN A 85 -0.40 -8.99 10.84
N LEU A 86 0.90 -8.83 10.55
CA LEU A 86 1.51 -7.51 10.47
C LEU A 86 0.75 -6.61 9.51
N LEU A 87 0.51 -7.09 8.29
CA LEU A 87 -0.21 -6.28 7.31
C LEU A 87 -1.64 -6.00 7.76
N ASN A 88 -2.40 -7.05 8.10
CA ASN A 88 -3.76 -6.93 8.64
C ASN A 88 -3.95 -5.94 9.79
N LYS A 89 -2.97 -5.86 10.69
CA LYS A 89 -3.06 -5.01 11.87
C LYS A 89 -2.92 -3.50 11.52
N GLN A 90 -2.42 -3.24 10.30
CA GLN A 90 -2.25 -1.89 9.78
C GLN A 90 -3.28 -1.52 8.73
N ALA A 91 -3.91 -2.53 8.13
CA ALA A 91 -4.88 -2.25 7.08
C ALA A 91 -6.04 -1.56 7.75
N ASN A 92 -6.49 -0.46 7.17
CA ASN A 92 -7.70 0.16 7.68
C ASN A 92 -8.80 -0.92 7.64
N GLY A 93 -9.34 -1.30 8.78
CA GLY A 93 -10.39 -2.33 8.85
C GLY A 93 -9.94 -3.75 8.54
N GLY A 94 -8.64 -4.00 8.59
CA GLY A 94 -8.11 -5.33 8.30
C GLY A 94 -8.17 -5.73 6.83
N LEU A 95 -7.49 -6.82 6.50
CA LEU A 95 -7.45 -7.29 5.13
C LEU A 95 -8.81 -7.82 4.75
N LYS A 96 -9.31 -7.33 3.62
CA LYS A 96 -10.54 -7.84 3.07
C LYS A 96 -10.27 -8.10 1.60
N PRO A 97 -9.62 -9.23 1.27
CA PRO A 97 -9.28 -9.49 -0.12
C PRO A 97 -10.48 -10.06 -0.83
N VAL A 98 -10.57 -9.91 -2.15
CA VAL A 98 -11.67 -10.54 -2.88
C VAL A 98 -11.52 -12.08 -2.91
N PHE A 99 -10.30 -12.58 -3.08
CA PHE A 99 -10.03 -14.00 -2.92
C PHE A 99 -8.56 -14.23 -2.53
N ALA A 100 -8.22 -15.49 -2.22
CA ALA A 100 -6.84 -15.89 -1.93
C ALA A 100 -6.44 -17.16 -2.71
N LEU A 101 -5.23 -17.16 -3.27
CA LEU A 101 -4.68 -18.24 -4.09
C LEU A 101 -3.33 -18.65 -3.48
N GLY A 102 -3.09 -19.96 -3.38
CA GLY A 102 -1.83 -20.46 -2.93
C GLY A 102 -1.22 -21.38 -3.96
N HIS A 103 0.01 -21.81 -3.70
CA HIS A 103 0.65 -22.80 -4.55
C HIS A 103 1.07 -24.02 -3.73
N SER A 104 0.63 -25.20 -4.16
CA SER A 104 0.55 -26.36 -3.29
C SER A 104 0.39 -25.94 -1.83
N LEU A 105 1.50 -25.93 -1.10
CA LEU A 105 1.46 -25.77 0.35
C LEU A 105 0.86 -24.42 0.74
N GLY A 106 0.80 -23.50 -0.23
CA GLY A 106 0.23 -22.19 0.00
C GLY A 106 -1.26 -22.24 0.19
N GLU A 107 -1.91 -23.27 -0.37
CA GLU A 107 -3.37 -23.32 -0.28
C GLU A 107 -3.83 -23.48 1.18
N VAL A 108 -3.19 -24.40 1.89
CA VAL A 108 -3.39 -24.56 3.34
C VAL A 108 -3.21 -23.23 4.05
N SER A 109 -2.09 -22.55 3.83
CA SER A 109 -1.88 -21.20 4.35
C SER A 109 -3.10 -20.35 4.15
N ALA A 110 -3.59 -20.31 2.91
CA ALA A 110 -4.72 -19.45 2.53
C ALA A 110 -6.00 -19.82 3.31
N VAL A 111 -6.36 -21.11 3.31
CA VAL A 111 -7.43 -21.64 4.16
C VAL A 111 -7.28 -21.22 5.64
N SER A 112 -6.08 -21.37 6.20
CA SER A 112 -5.83 -21.01 7.59
C SER A 112 -6.15 -19.55 7.85
N LEU A 113 -5.57 -18.68 7.05
CA LEU A 113 -5.70 -17.24 7.27
C LEU A 113 -7.10 -16.75 6.99
N SER A 114 -7.86 -17.51 6.20
CA SER A 114 -9.28 -17.25 6.04
C SER A 114 -10.02 -17.36 7.37
N GLY A 115 -9.51 -18.21 8.27
CA GLY A 115 -10.02 -18.32 9.64
C GLY A 115 -10.42 -19.75 10.03
N ALA A 116 -10.13 -20.68 9.13
CA ALA A 116 -10.56 -22.06 9.30
C ALA A 116 -9.49 -22.90 9.98
N LEU A 117 -8.42 -22.27 10.44
CA LEU A 117 -7.29 -23.01 10.97
C LEU A 117 -6.43 -22.11 11.86
N ASP A 118 -6.44 -22.40 13.16
CA ASP A 118 -5.65 -21.65 14.15
C ASP A 118 -4.17 -21.81 13.89
N PHE A 119 -3.41 -20.83 14.37
CA PHE A 119 -1.96 -20.84 14.23
C PHE A 119 -1.31 -22.20 14.54
N GLU A 120 -1.39 -22.68 15.78
CA GLU A 120 -0.62 -23.90 16.12
C GLU A 120 -1.18 -25.14 15.46
N LYS A 121 -2.48 -25.17 15.20
CA LYS A 121 -3.08 -26.26 14.43
C LYS A 121 -2.57 -26.31 12.99
N ALA A 122 -2.36 -25.16 12.38
CA ALA A 122 -1.89 -25.13 10.99
C ALA A 122 -0.44 -25.57 10.86
N LEU A 123 0.40 -25.13 11.80
CA LEU A 123 1.78 -25.57 11.87
C LEU A 123 1.84 -27.09 11.98
N LYS A 124 0.99 -27.65 12.84
CA LYS A 124 0.97 -29.08 13.09
C LYS A 124 0.46 -29.84 11.86
N LEU A 125 -0.59 -29.31 11.24
CA LEU A 125 -1.06 -29.90 9.99
C LEU A 125 0.01 -29.84 8.89
N THR A 126 0.63 -28.66 8.70
CA THR A 126 1.65 -28.49 7.65
C THR A 126 2.87 -29.40 7.87
N HIS A 127 3.37 -29.45 9.11
CA HIS A 127 4.46 -30.36 9.44
C HIS A 127 4.09 -31.80 9.07
N GLN A 128 2.82 -32.15 9.30
CA GLN A 128 2.35 -33.49 9.02
C GLN A 128 2.27 -33.75 7.51
N ARG A 129 1.74 -32.78 6.76
CA ARG A 129 1.65 -32.88 5.31
C ARG A 129 3.01 -33.15 4.70
N GLY A 130 4.03 -32.48 5.22
CA GLY A 130 5.41 -32.71 4.75
C GLY A 130 5.92 -34.09 5.14
N LYS A 131 5.58 -34.52 6.35
CA LYS A 131 6.05 -35.79 6.88
C LYS A 131 5.42 -36.92 6.08
N MET A 132 4.12 -36.80 5.83
CA MET A 132 3.40 -37.81 5.07
C MET A 132 3.80 -37.88 3.60
N MET A 133 4.14 -36.75 3.02
CA MET A 133 4.70 -36.73 1.66
C MET A 133 6.05 -37.44 1.62
N GLN A 134 6.87 -37.25 2.65
CA GLN A 134 8.17 -37.90 2.71
C GLN A 134 8.04 -39.40 2.93
N GLU A 135 7.16 -39.78 3.86
CA GLU A 135 6.91 -41.19 4.15
C GLU A 135 6.34 -41.92 2.95
N ALA A 136 5.34 -41.31 2.31
CA ALA A 136 4.68 -41.94 1.17
C ALA A 136 5.63 -42.14 0.02
N CYS A 137 6.68 -41.33 -0.03
CA CYS A 137 7.64 -41.39 -1.15
C CYS A 137 8.95 -42.14 -0.85
N ALA A 138 9.22 -42.36 0.44
CA ALA A 138 10.38 -43.14 0.90
C ALA A 138 10.55 -44.39 0.08
N ASN A 139 11.81 -44.72 -0.22
CA ASN A 139 12.15 -45.95 -0.92
C ASN A 139 11.37 -46.09 -2.24
N LYS A 140 11.29 -45.00 -3.00
CA LYS A 140 10.69 -45.05 -4.33
C LYS A 140 11.59 -44.39 -5.37
N ASP A 141 12.53 -43.60 -4.86
CA ASP A 141 13.41 -42.74 -5.64
C ASP A 141 12.60 -41.68 -6.38
N ALA A 142 11.81 -40.95 -5.60
CA ALA A 142 10.86 -40.02 -6.16
C ALA A 142 11.51 -38.66 -6.29
N SER A 143 11.13 -37.94 -7.34
CA SER A 143 11.57 -36.58 -7.49
C SER A 143 10.59 -35.72 -8.30
N MET A 144 10.92 -34.44 -8.40
CA MET A 144 10.20 -33.51 -9.28
C MET A 144 11.17 -32.78 -10.22
N MET A 145 10.70 -32.44 -11.42
CA MET A 145 11.58 -31.94 -12.45
C MET A 145 10.97 -30.77 -13.21
N VAL A 146 11.58 -29.59 -13.09
CA VAL A 146 11.10 -28.42 -13.83
C VAL A 146 11.46 -28.52 -15.31
N VAL A 147 10.46 -28.41 -16.19
CA VAL A 147 10.70 -28.29 -17.62
C VAL A 147 10.33 -26.88 -18.08
N LEU A 148 11.09 -26.31 -19.02
CA LEU A 148 10.84 -24.96 -19.49
C LEU A 148 10.70 -24.91 -21.01
N GLY A 149 9.58 -24.39 -21.47
CA GLY A 149 9.40 -24.15 -22.89
C GLY A 149 8.68 -25.20 -23.71
N VAL A 150 8.26 -26.31 -23.09
CA VAL A 150 7.38 -27.26 -23.77
C VAL A 150 5.93 -27.03 -23.38
N SER A 151 5.05 -27.15 -24.36
CA SER A 151 3.62 -26.88 -24.19
C SER A 151 2.97 -27.72 -23.08
N GLU A 152 2.04 -27.11 -22.36
CA GLU A 152 1.27 -27.82 -21.35
C GLU A 152 0.61 -29.11 -21.92
N GLU A 153 0.02 -29.00 -23.12
CA GLU A 153 -0.66 -30.14 -23.75
C GLU A 153 0.29 -31.25 -24.22
N SER A 154 1.46 -30.85 -24.70
CA SER A 154 2.47 -31.80 -25.16
C SER A 154 3.04 -32.65 -24.02
N LEU A 155 3.18 -32.06 -22.85
CA LEU A 155 3.70 -32.80 -21.71
C LEU A 155 2.64 -33.68 -21.11
N LEU A 156 1.40 -33.20 -21.15
CA LEU A 156 0.28 -33.98 -20.71
C LEU A 156 0.26 -35.30 -21.46
N SER A 157 0.25 -35.24 -22.80
CA SER A 157 0.21 -36.48 -23.56
C SER A 157 1.49 -37.28 -23.51
N LEU A 158 2.63 -36.62 -23.31
CA LEU A 158 3.88 -37.35 -23.10
C LEU A 158 3.82 -38.15 -21.80
N CYS A 159 3.33 -37.53 -20.73
CA CYS A 159 3.29 -38.24 -19.43
C CYS A 159 2.33 -39.40 -19.47
N GLN A 160 1.20 -39.21 -20.14
CA GLN A 160 0.14 -40.21 -20.25
C GLN A 160 0.54 -41.42 -21.06
N ARG A 161 1.46 -41.23 -21.99
CA ARG A 161 2.03 -42.38 -22.70
C ARG A 161 3.35 -42.90 -22.07
N THR A 162 3.68 -42.42 -20.86
CA THR A 162 4.96 -42.78 -20.21
C THR A 162 4.75 -43.26 -18.78
N LYS A 163 5.21 -44.46 -18.49
CA LYS A 163 5.14 -45.02 -17.15
C LYS A 163 5.92 -44.19 -16.12
N ASN A 164 5.31 -44.00 -14.96
CA ASN A 164 5.96 -43.44 -13.78
C ASN A 164 6.27 -41.94 -13.79
N VAL A 165 5.56 -41.19 -14.64
CA VAL A 165 5.79 -39.77 -14.81
C VAL A 165 4.45 -39.04 -14.93
N TRP A 166 4.31 -37.95 -14.21
CA TRP A 166 3.08 -37.18 -14.22
C TRP A 166 3.38 -35.69 -14.21
N CYS A 167 2.49 -34.92 -14.82
CA CYS A 167 2.45 -33.49 -14.66
C CYS A 167 1.96 -33.07 -13.26
N ALA A 168 2.73 -32.21 -12.60
CA ALA A 168 2.47 -31.86 -11.20
C ALA A 168 2.15 -30.38 -10.95
N ASN A 169 2.78 -29.52 -11.74
CA ASN A 169 2.45 -28.09 -11.70
C ASN A 169 2.25 -27.58 -13.11
N PHE A 170 1.24 -26.75 -13.29
CA PHE A 170 1.16 -25.88 -14.46
C PHE A 170 1.34 -24.43 -14.01
N ASN A 171 2.57 -23.95 -14.09
CA ASN A 171 2.92 -22.66 -13.50
C ASN A 171 2.82 -21.51 -14.46
N GLY A 172 2.49 -21.85 -15.72
CA GLY A 172 2.36 -20.86 -16.80
C GLY A 172 3.70 -20.44 -17.35
N GLY A 173 3.67 -19.66 -18.43
CA GLY A 173 4.89 -19.19 -19.07
C GLY A 173 5.67 -20.40 -19.51
N MET A 174 4.93 -21.45 -19.91
CA MET A 174 5.50 -22.72 -20.36
C MET A 174 6.46 -23.34 -19.35
N GLN A 175 6.14 -23.15 -18.08
CA GLN A 175 6.86 -23.81 -16.99
C GLN A 175 6.00 -24.92 -16.40
N VAL A 176 6.48 -26.15 -16.52
CA VAL A 176 5.73 -27.31 -16.05
C VAL A 176 6.61 -28.21 -15.17
N VAL A 177 6.10 -28.54 -14.00
CA VAL A 177 6.84 -29.41 -13.10
C VAL A 177 6.28 -30.82 -13.23
N LEU A 178 7.16 -31.79 -13.46
CA LEU A 178 6.79 -33.18 -13.58
C LEU A 178 7.15 -33.93 -12.32
N ALA A 179 6.41 -35.00 -12.01
CA ALA A 179 6.70 -35.78 -10.81
C ALA A 179 6.85 -37.24 -11.18
N GLY A 180 7.64 -37.98 -10.39
CA GLY A 180 7.79 -39.40 -10.62
C GLY A 180 9.06 -40.06 -10.12
N VAL A 181 9.35 -41.21 -10.71
CA VAL A 181 10.54 -41.97 -10.37
C VAL A 181 11.68 -41.28 -11.10
N LYS A 182 12.71 -40.97 -10.33
CA LYS A 182 13.86 -40.22 -10.81
C LYS A 182 14.31 -40.69 -12.18
N ASP A 183 14.84 -41.91 -12.26
CA ASP A 183 15.43 -42.40 -13.51
C ASP A 183 14.46 -42.24 -14.66
N ASP A 184 13.17 -42.48 -14.40
CA ASP A 184 12.13 -42.37 -15.42
C ASP A 184 11.96 -40.94 -15.93
N LEU A 185 12.22 -39.95 -15.08
CA LEU A 185 12.24 -38.53 -15.47
C LEU A 185 13.56 -38.18 -16.14
N LYS A 186 14.62 -38.51 -15.42
CA LYS A 186 16.01 -38.33 -15.80
C LYS A 186 16.34 -39.13 -17.06
N ALA A 187 15.33 -39.44 -17.87
CA ALA A 187 15.48 -40.32 -19.04
C ALA A 187 14.61 -39.86 -20.19
N LEU A 188 13.73 -38.91 -19.89
CA LEU A 188 12.92 -38.21 -20.87
C LEU A 188 13.69 -37.06 -21.53
N GLU A 189 14.89 -36.77 -21.00
CA GLU A 189 15.76 -35.67 -21.47
C GLU A 189 15.81 -35.52 -23.00
N PRO A 190 16.19 -36.59 -23.72
CA PRO A 190 16.44 -36.40 -25.17
C PRO A 190 15.18 -36.15 -25.97
N THR A 191 14.05 -36.63 -25.45
CA THR A 191 12.74 -36.43 -26.04
C THR A 191 12.23 -35.03 -25.71
N LEU A 192 12.44 -34.58 -24.48
CA LEU A 192 12.07 -33.23 -24.08
C LEU A 192 12.86 -32.23 -24.88
N LYS A 193 14.16 -32.49 -24.99
CA LYS A 193 15.07 -31.64 -25.75
C LYS A 193 14.50 -31.41 -27.14
N GLU A 194 14.14 -32.52 -27.79
CA GLU A 194 13.66 -32.51 -29.16
C GLU A 194 12.32 -31.81 -29.28
N MET A 195 11.59 -31.74 -28.16
CA MET A 195 10.28 -31.08 -28.13
C MET A 195 10.43 -29.58 -27.88
N GLY A 196 11.65 -29.14 -27.57
CA GLY A 196 11.97 -27.73 -27.40
C GLY A 196 12.24 -27.27 -25.99
N ALA A 197 12.49 -28.19 -25.08
CA ALA A 197 12.82 -27.81 -23.71
C ALA A 197 14.11 -26.99 -23.72
N LYS A 198 14.01 -25.75 -23.27
CA LYS A 198 15.17 -24.85 -23.13
C LYS A 198 15.93 -25.08 -21.81
N ARG A 199 15.34 -25.79 -20.86
CA ARG A 199 15.96 -26.01 -19.54
C ARG A 199 15.26 -27.13 -18.80
N VAL A 200 16.03 -28.03 -18.17
CA VAL A 200 15.44 -29.09 -17.36
C VAL A 200 16.16 -29.27 -16.01
N VAL A 201 15.57 -28.69 -14.96
CA VAL A 201 16.14 -28.70 -13.60
C VAL A 201 15.37 -29.68 -12.71
N PHE A 202 16.11 -30.54 -12.02
CA PHE A 202 15.53 -31.36 -10.96
C PHE A 202 15.40 -30.58 -9.66
N LEU A 203 14.21 -30.60 -9.06
CA LEU A 203 14.03 -30.01 -7.74
C LEU A 203 14.74 -30.85 -6.69
N GLU A 204 14.98 -30.27 -5.53
CA GLU A 204 15.80 -30.89 -4.50
C GLU A 204 14.92 -31.47 -3.42
N MET A 205 14.62 -32.77 -3.55
CA MET A 205 13.69 -33.48 -2.68
C MET A 205 13.47 -34.89 -3.22
N SER A 206 13.30 -35.84 -2.31
CA SER A 206 12.93 -37.21 -2.69
C SER A 206 11.42 -37.42 -2.49
N VAL A 207 10.62 -36.48 -2.98
CA VAL A 207 9.15 -36.60 -2.99
C VAL A 207 8.55 -36.23 -4.33
N ALA A 208 7.53 -36.98 -4.73
CA ALA A 208 6.75 -36.63 -5.88
C ALA A 208 5.36 -36.28 -5.38
N SER A 209 5.03 -34.99 -5.34
CA SER A 209 3.69 -34.58 -4.94
C SER A 209 2.83 -34.32 -6.16
N HIS A 210 1.52 -34.20 -5.94
CA HIS A 210 0.51 -34.00 -7.01
C HIS A 210 0.51 -35.05 -8.10
N CYS A 211 0.64 -36.30 -7.66
CA CYS A 211 0.53 -37.48 -8.51
C CYS A 211 0.19 -38.68 -7.63
N PRO A 212 -0.12 -39.84 -8.22
CA PRO A 212 -0.50 -41.05 -7.46
C PRO A 212 0.41 -41.44 -6.30
N PHE A 213 1.69 -41.03 -6.33
CA PHE A 213 2.64 -41.34 -5.23
C PHE A 213 2.12 -40.87 -3.91
N LEU A 214 1.14 -39.99 -3.94
CA LEU A 214 0.58 -39.45 -2.72
C LEU A 214 -0.68 -40.18 -2.29
N GLU A 215 -1.27 -40.95 -3.20
CA GLU A 215 -2.47 -41.76 -2.91
C GLU A 215 -2.48 -42.34 -1.50
N PRO A 216 -1.40 -43.05 -1.10
CA PRO A 216 -1.42 -43.63 0.24
C PRO A 216 -1.92 -42.68 1.32
N MET A 217 -1.47 -41.42 1.30
CA MET A 217 -1.67 -40.48 2.41
C MET A 217 -3.02 -39.78 2.41
N ILE A 218 -3.81 -39.91 1.34
CA ILE A 218 -5.07 -39.14 1.22
C ILE A 218 -6.01 -39.33 2.41
N PHE A 219 -6.21 -40.58 2.82
CA PHE A 219 -7.07 -40.78 3.97
C PHE A 219 -6.56 -40.20 5.30
N LYS A 220 -5.31 -40.50 5.68
CA LYS A 220 -4.71 -39.94 6.91
C LYS A 220 -4.78 -38.40 6.94
N PHE A 221 -4.59 -37.78 5.79
CA PHE A 221 -4.62 -36.34 5.70
C PHE A 221 -6.05 -35.82 5.88
N GLN A 222 -6.99 -36.45 5.19
CA GLN A 222 -8.41 -36.13 5.32
C GLN A 222 -8.83 -36.13 6.79
N GLU A 223 -8.49 -37.21 7.49
CA GLU A 223 -8.72 -37.33 8.92
C GLU A 223 -8.19 -36.12 9.70
N LEU A 224 -6.96 -35.72 9.41
CA LEU A 224 -6.37 -34.57 10.08
C LEU A 224 -7.04 -33.22 9.78
N LEU A 225 -7.51 -33.06 8.54
CA LEU A 225 -8.31 -31.90 8.12
C LEU A 225 -9.66 -31.79 8.85
N GLU A 226 -10.38 -32.91 8.94
CA GLU A 226 -11.67 -32.99 9.64
C GLU A 226 -11.53 -32.62 11.09
N LYS A 227 -10.47 -33.12 11.71
CA LYS A 227 -10.20 -32.88 13.12
C LYS A 227 -9.69 -31.45 13.36
N SER A 228 -9.10 -30.82 12.36
CA SER A 228 -8.41 -29.53 12.56
C SER A 228 -9.12 -28.27 12.07
N LEU A 229 -9.93 -28.41 11.01
CA LEU A 229 -10.63 -27.28 10.43
C LEU A 229 -11.85 -26.82 11.22
N LYS A 230 -11.92 -25.51 11.43
CA LYS A 230 -13.14 -24.89 11.90
C LYS A 230 -13.91 -24.52 10.65
N ASP A 231 -15.16 -24.07 10.83
CA ASP A 231 -15.93 -23.62 9.69
C ASP A 231 -16.07 -22.10 9.74
N LYS A 232 -14.98 -21.44 9.38
CA LYS A 232 -14.94 -19.99 9.44
C LYS A 232 -14.00 -19.53 8.35
N PHE A 233 -14.54 -18.71 7.45
CA PHE A 233 -13.83 -18.24 6.28
C PHE A 233 -14.21 -16.77 6.02
N HIS A 234 -13.26 -15.87 6.23
CA HIS A 234 -13.47 -14.45 5.93
C HIS A 234 -13.43 -14.12 4.44
N PHE A 235 -12.79 -15.00 3.67
CA PHE A 235 -12.66 -14.82 2.22
C PHE A 235 -12.54 -16.20 1.56
N GLU A 236 -12.93 -16.25 0.28
CA GLU A 236 -12.91 -17.50 -0.47
C GLU A 236 -11.51 -17.87 -0.92
N ILE A 237 -11.25 -19.14 -1.14
CA ILE A 237 -9.95 -19.53 -1.68
C ILE A 237 -10.15 -20.30 -2.99
N ILE A 238 -9.16 -20.23 -3.88
CA ILE A 238 -9.22 -20.88 -5.18
C ILE A 238 -8.44 -22.21 -5.14
N SER A 239 -9.10 -23.29 -5.51
CA SER A 239 -8.49 -24.61 -5.43
C SER A 239 -7.46 -24.84 -6.55
N ASN A 240 -6.23 -25.19 -6.18
CA ASN A 240 -5.26 -25.65 -7.18
C ASN A 240 -5.79 -26.88 -7.92
N ALA A 241 -6.66 -27.65 -7.27
CA ALA A 241 -7.14 -28.89 -7.86
C ALA A 241 -8.22 -28.72 -8.96
N THR A 242 -9.21 -27.85 -8.71
CA THR A 242 -10.34 -27.65 -9.63
C THR A 242 -10.47 -26.23 -10.19
N ASN A 243 -9.66 -25.30 -9.74
CA ASN A 243 -9.79 -23.92 -10.18
C ASN A 243 -11.20 -23.36 -9.92
N GLU A 244 -11.81 -23.80 -8.82
CA GLU A 244 -13.09 -23.29 -8.37
C GLU A 244 -12.97 -22.80 -6.93
N ALA A 245 -13.59 -21.65 -6.62
CA ALA A 245 -13.59 -21.05 -5.29
C ALA A 245 -14.34 -21.88 -4.28
N TYR A 246 -13.93 -21.81 -3.00
CA TYR A 246 -14.61 -22.46 -1.88
C TYR A 246 -14.42 -21.71 -0.56
N HIS A 247 -15.36 -21.92 0.36
CA HIS A 247 -15.44 -21.10 1.57
C HIS A 247 -16.09 -21.84 2.76
N ASN A 248 -15.97 -23.17 2.79
CA ASN A 248 -16.40 -23.96 3.96
C ASN A 248 -15.55 -25.19 4.27
N LYS A 249 -15.84 -25.81 5.42
CA LYS A 249 -15.06 -26.94 5.93
C LYS A 249 -15.14 -28.16 5.05
N ALA A 250 -16.36 -28.51 4.65
CA ALA A 250 -16.59 -29.72 3.87
C ALA A 250 -15.78 -29.66 2.58
N LYS A 251 -15.86 -28.53 1.91
CA LYS A 251 -15.15 -28.31 0.67
C LYS A 251 -13.62 -28.27 0.87
N ALA A 252 -13.16 -27.47 1.83
CA ALA A 252 -11.74 -27.49 2.19
C ALA A 252 -11.22 -28.92 2.43
N VAL A 253 -11.92 -29.70 3.26
CA VAL A 253 -11.53 -31.11 3.55
C VAL A 253 -11.35 -31.84 2.26
N GLU A 254 -12.37 -31.74 1.39
CA GLU A 254 -12.36 -32.39 0.11
C GLU A 254 -11.25 -31.84 -0.82
N LEU A 255 -11.14 -30.53 -0.91
CA LEU A 255 -10.24 -29.93 -1.88
C LEU A 255 -8.73 -29.92 -1.50
N LEU A 256 -8.42 -29.73 -0.22
CA LEU A 256 -7.04 -29.88 0.26
C LEU A 256 -6.59 -31.34 0.23
N SER A 257 -7.53 -32.28 0.17
CA SER A 257 -7.21 -33.72 0.05
C SER A 257 -6.79 -33.99 -1.37
N LEU A 258 -7.71 -33.65 -2.27
CA LEU A 258 -7.61 -33.95 -3.67
C LEU A 258 -6.40 -33.27 -4.33
N GLN A 259 -6.09 -32.07 -3.84
CA GLN A 259 -4.94 -31.30 -4.28
C GLN A 259 -3.69 -32.19 -4.42
N LEU A 260 -3.40 -32.96 -3.36
CA LEU A 260 -2.20 -33.81 -3.21
C LEU A 260 -1.93 -34.76 -4.36
N THR A 261 -2.98 -35.22 -5.04
CA THR A 261 -2.80 -36.17 -6.14
C THR A 261 -3.12 -35.56 -7.50
N GLN A 262 -3.51 -34.28 -7.50
CA GLN A 262 -3.83 -33.58 -8.75
C GLN A 262 -2.85 -32.45 -9.08
N PRO A 263 -2.58 -32.24 -10.37
CA PRO A 263 -1.73 -31.12 -10.79
C PRO A 263 -2.15 -29.81 -10.15
N VAL A 264 -1.16 -29.06 -9.67
CA VAL A 264 -1.40 -27.71 -9.20
C VAL A 264 -1.64 -26.89 -10.46
N ARG A 265 -2.85 -26.38 -10.60
CA ARG A 265 -3.21 -25.62 -11.81
C ARG A 265 -3.09 -24.14 -11.59
N TYR A 266 -1.89 -23.71 -11.23
CA TYR A 266 -1.67 -22.32 -10.83
C TYR A 266 -1.98 -21.31 -11.94
N GLN A 267 -1.57 -21.64 -13.16
CA GLN A 267 -1.94 -20.89 -14.38
C GLN A 267 -3.46 -20.64 -14.55
N ASP A 268 -4.24 -21.71 -14.60
CA ASP A 268 -5.70 -21.59 -14.76
C ASP A 268 -6.31 -20.75 -13.65
N CYS A 269 -5.79 -20.94 -12.43
CA CYS A 269 -6.27 -20.22 -11.26
C CYS A 269 -6.11 -18.72 -11.37
N VAL A 270 -4.92 -18.29 -11.81
CA VAL A 270 -4.67 -16.88 -12.00
C VAL A 270 -5.56 -16.32 -13.13
N LYS A 271 -5.59 -17.00 -14.26
CA LYS A 271 -6.34 -16.53 -15.43
C LYS A 271 -7.86 -16.38 -15.16
N SER A 272 -8.49 -17.41 -14.64
CA SER A 272 -9.92 -17.34 -14.31
C SER A 272 -10.27 -16.25 -13.29
N ASN A 273 -9.25 -15.58 -12.75
CA ASN A 273 -9.49 -14.73 -11.58
C ASN A 273 -8.84 -13.37 -11.66
N ASN A 274 -7.96 -13.19 -12.65
CA ASN A 274 -7.20 -11.95 -12.84
C ASN A 274 -8.07 -10.69 -13.08
N ASP A 275 -9.26 -10.88 -13.66
CA ASP A 275 -10.23 -9.80 -13.87
C ASP A 275 -10.91 -9.25 -12.60
N ARG A 276 -10.95 -10.06 -11.54
CA ARG A 276 -11.71 -9.66 -10.34
C ARG A 276 -10.92 -8.74 -9.40
N VAL A 277 -9.65 -8.47 -9.70
CA VAL A 277 -8.84 -7.58 -8.85
C VAL A 277 -7.90 -6.65 -9.64
N ASP A 278 -7.32 -5.67 -8.95
CA ASP A 278 -6.35 -4.75 -9.56
C ASP A 278 -4.90 -5.05 -9.18
N ILE A 279 -4.72 -5.87 -8.16
CA ILE A 279 -3.40 -6.06 -7.57
C ILE A 279 -3.35 -7.30 -6.69
N PHE A 280 -2.15 -7.84 -6.51
CA PHE A 280 -1.95 -9.06 -5.75
C PHE A 280 -0.97 -8.77 -4.63
N PHE A 281 -1.19 -9.39 -3.45
CA PHE A 281 -0.17 -9.37 -2.40
C PHE A 281 0.41 -10.77 -2.18
N GLU A 282 1.69 -10.94 -2.45
CA GLU A 282 2.31 -12.22 -2.13
C GLU A 282 2.69 -12.17 -0.65
N LEU A 283 1.96 -12.92 0.20
CA LEU A 283 2.23 -12.95 1.64
C LEU A 283 3.18 -14.05 2.03
N GLY A 284 4.32 -13.66 2.57
CA GLY A 284 5.33 -14.62 2.97
C GLY A 284 6.65 -14.37 2.29
N CYS A 285 7.56 -15.33 2.39
CA CYS A 285 8.89 -15.14 1.85
C CYS A 285 8.99 -15.35 0.33
N GLY A 286 9.96 -14.66 -0.28
CA GLY A 286 10.36 -14.85 -1.67
C GLY A 286 9.54 -14.00 -2.62
N SER A 287 9.72 -14.25 -3.92
CA SER A 287 8.89 -13.62 -4.95
C SER A 287 8.55 -14.59 -6.08
N VAL A 288 8.53 -15.88 -5.76
CA VAL A 288 8.15 -16.96 -6.69
C VAL A 288 6.81 -16.71 -7.41
N LEU A 289 5.78 -16.31 -6.67
CA LEU A 289 4.49 -16.08 -7.30
C LEU A 289 4.45 -14.71 -8.02
N LYS A 290 5.16 -13.72 -7.48
CA LYS A 290 5.43 -12.51 -8.26
C LYS A 290 6.00 -12.83 -9.66
N GLY A 291 6.97 -13.76 -9.68
CA GLY A 291 7.64 -14.21 -10.90
C GLY A 291 6.66 -14.87 -11.84
N LEU A 292 5.95 -15.89 -11.37
CA LEU A 292 5.00 -16.61 -12.22
C LEU A 292 3.93 -15.71 -12.83
N ASN A 293 3.52 -14.67 -12.12
CA ASN A 293 2.53 -13.73 -12.63
C ASN A 293 3.04 -12.80 -13.73
N LYS A 294 4.35 -12.56 -13.77
CA LYS A 294 4.92 -11.75 -14.85
C LYS A 294 4.40 -12.32 -16.15
N ARG A 295 4.46 -13.65 -16.29
CA ARG A 295 4.05 -14.34 -17.51
C ARG A 295 2.53 -14.55 -17.61
N LEU A 296 1.79 -14.19 -16.55
CA LEU A 296 0.38 -14.55 -16.45
C LEU A 296 -0.61 -13.38 -16.34
N SER A 297 -0.11 -12.20 -16.00
CA SER A 297 -0.98 -11.06 -15.72
C SER A 297 -0.21 -9.77 -15.80
N ASN A 298 -0.91 -8.67 -16.03
CA ASN A 298 -0.27 -7.36 -16.08
C ASN A 298 -0.48 -6.55 -14.82
N LYS A 299 -1.17 -7.17 -13.86
CA LYS A 299 -1.47 -6.56 -12.58
C LYS A 299 -0.29 -6.72 -11.66
N PRO A 300 -0.04 -5.72 -10.79
CA PRO A 300 1.13 -5.82 -9.94
C PRO A 300 0.98 -6.82 -8.79
N THR A 301 2.13 -7.24 -8.27
CA THR A 301 2.23 -8.07 -7.09
C THR A 301 3.27 -7.41 -6.20
N ILE A 302 2.83 -6.87 -5.08
CA ILE A 302 3.75 -6.44 -4.04
C ILE A 302 4.06 -7.67 -3.21
N SER A 303 5.34 -7.96 -3.04
CA SER A 303 5.71 -9.10 -2.20
C SER A 303 5.94 -8.62 -0.78
N VAL A 304 5.31 -9.30 0.16
CA VAL A 304 5.37 -8.91 1.56
C VAL A 304 6.10 -10.02 2.31
N GLY A 305 7.43 -9.97 2.28
CA GLY A 305 8.24 -10.92 3.03
C GLY A 305 9.18 -10.22 3.98
N ASP A 306 9.21 -8.89 3.88
CA ASP A 306 10.24 -8.00 4.43
C ASP A 306 9.51 -6.95 5.20
N ASN A 307 10.22 -6.23 6.05
CA ASN A 307 9.67 -5.00 6.58
C ASN A 307 9.45 -3.95 5.47
N LYS A 308 10.36 -3.98 4.48
CA LYS A 308 10.29 -3.15 3.29
C LYS A 308 9.02 -3.46 2.50
N GLY A 309 8.79 -4.74 2.20
CA GLY A 309 7.56 -5.18 1.55
C GLY A 309 6.32 -4.85 2.38
N LEU A 310 6.42 -5.06 3.70
CA LEU A 310 5.34 -4.73 4.63
C LEU A 310 4.93 -3.28 4.45
N ASP A 311 5.92 -2.40 4.45
CA ASP A 311 5.68 -0.96 4.38
C ASP A 311 5.16 -0.55 3.02
N GLU A 312 5.58 -1.26 1.98
CA GLU A 312 5.10 -0.94 0.65
C GLU A 312 3.64 -1.33 0.45
N ALA A 313 3.23 -2.48 0.98
CA ALA A 313 1.83 -2.89 0.97
C ALA A 313 0.93 -1.91 1.70
N ILE A 314 1.32 -1.52 2.92
CA ILE A 314 0.58 -0.53 3.70
C ILE A 314 0.36 0.79 2.94
N GLU A 315 1.41 1.30 2.30
CA GLU A 315 1.28 2.56 1.52
C GLU A 315 0.24 2.41 0.45
N PHE A 316 0.17 1.23 -0.15
CA PHE A 316 -0.75 1.05 -1.26
C PHE A 316 -2.18 1.16 -0.77
N LEU A 317 -2.46 0.49 0.36
CA LEU A 317 -3.78 0.53 0.98
C LEU A 317 -4.15 1.93 1.43
N GLU A 318 -3.21 2.68 2.03
CA GLU A 318 -3.48 4.06 2.45
C GLU A 318 -3.90 4.92 1.27
N GLU A 319 -3.25 4.73 0.13
CA GLU A 319 -3.60 5.50 -1.05
C GLU A 319 -4.82 5.01 -1.82
N TYR A 320 -4.85 3.72 -2.18
CA TYR A 320 -5.87 3.24 -3.11
C TYR A 320 -7.03 2.48 -2.44
N VAL A 321 -6.98 2.43 -1.10
CA VAL A 321 -7.91 1.71 -0.20
C VAL A 321 -8.07 0.19 -0.47
N HIS B 9 -31.13 23.93 -1.54
CA HIS B 9 -32.34 23.23 -2.11
C HIS B 9 -32.53 21.83 -1.52
N HIS B 10 -33.79 21.44 -1.37
CA HIS B 10 -34.15 20.29 -0.51
C HIS B 10 -33.91 18.90 -1.13
N GLY B 11 -33.09 18.09 -0.45
CA GLY B 11 -32.64 16.80 -0.97
C GLY B 11 -31.23 16.79 -1.54
N SER B 12 -30.71 17.98 -1.88
CA SER B 12 -29.33 18.15 -2.38
C SER B 12 -28.34 17.69 -1.33
N MET B 13 -27.29 17.01 -1.75
CA MET B 13 -26.20 16.68 -0.85
C MET B 13 -25.23 17.85 -0.70
N GLN B 14 -24.68 18.05 0.49
CA GLN B 14 -23.80 19.21 0.74
C GLN B 14 -22.33 18.82 0.71
N TYR B 15 -21.48 19.73 0.25
CA TYR B 15 -20.06 19.42 0.08
C TYR B 15 -19.08 20.48 0.60
N ALA B 16 -17.91 19.99 1.00
CA ALA B 16 -16.80 20.85 1.37
C ALA B 16 -15.66 20.71 0.36
N LEU B 17 -14.78 21.72 0.36
CA LEU B 17 -13.63 21.74 -0.51
C LEU B 17 -12.37 21.55 0.31
N LEU B 18 -11.49 20.71 -0.23
CA LEU B 18 -10.18 20.46 0.33
C LEU B 18 -9.05 20.90 -0.61
N PHE B 19 -8.02 21.55 -0.05
CA PHE B 19 -6.86 21.98 -0.81
C PHE B 19 -5.57 21.39 -0.25
N PRO B 20 -4.88 20.53 -1.04
CA PRO B 20 -3.62 19.91 -0.60
C PRO B 20 -2.50 20.91 -0.38
N GLY B 21 -1.47 20.49 0.35
CA GLY B 21 -0.29 21.30 0.64
C GLY B 21 0.98 20.61 0.20
N GLN B 22 2.10 21.10 0.71
CA GLN B 22 3.40 20.58 0.33
C GLN B 22 3.44 19.06 0.54
N GLY B 23 3.93 18.33 -0.45
CA GLY B 23 3.94 16.87 -0.42
C GLY B 23 2.91 16.27 -1.38
N SER B 24 2.15 17.13 -2.06
CA SER B 24 1.22 16.67 -3.07
C SER B 24 1.72 16.95 -4.50
N GLN B 25 2.71 17.82 -4.62
CA GLN B 25 3.30 18.11 -5.93
C GLN B 25 3.95 16.86 -6.53
N CYS B 26 3.97 16.83 -7.86
CA CYS B 26 4.31 15.63 -8.59
C CYS B 26 4.32 15.92 -10.08
N ILE B 27 5.46 15.68 -10.72
CA ILE B 27 5.64 15.87 -12.17
C ILE B 27 4.44 15.30 -12.91
N GLY B 28 3.84 16.09 -13.79
CA GLY B 28 2.64 15.69 -14.48
C GLY B 28 1.42 16.42 -13.96
N MET B 29 1.58 17.06 -12.80
CA MET B 29 0.52 17.87 -12.21
C MET B 29 0.06 18.95 -13.18
N GLY B 30 -1.24 18.99 -13.45
CA GLY B 30 -1.83 19.93 -14.40
C GLY B 30 -1.89 19.48 -15.86
N LYS B 31 -0.98 18.60 -16.27
CA LYS B 31 -0.90 18.13 -17.66
C LYS B 31 -2.23 17.70 -18.24
N SER B 32 -2.98 16.88 -17.48
CA SER B 32 -4.28 16.43 -17.95
C SER B 32 -5.23 17.59 -18.21
N PHE B 33 -5.29 18.53 -17.26
CA PHE B 33 -6.13 19.70 -17.36
C PHE B 33 -5.71 20.52 -18.58
N TYR B 34 -4.39 20.67 -18.74
CA TYR B 34 -3.80 21.49 -19.80
C TYR B 34 -4.16 21.03 -21.21
N GLU B 35 -3.97 19.75 -21.49
CA GLU B 35 -4.31 19.18 -22.79
C GLU B 35 -5.81 19.06 -23.00
N GLY B 36 -6.60 19.08 -21.93
CA GLY B 36 -8.04 18.87 -22.06
C GLY B 36 -8.91 20.13 -22.08
N HIS B 37 -8.33 21.28 -21.70
CA HIS B 37 -9.12 22.49 -21.53
C HIS B 37 -8.36 23.76 -21.84
N THR B 38 -9.06 24.66 -22.52
CA THR B 38 -8.50 25.94 -22.93
C THR B 38 -8.16 26.86 -21.75
N LEU B 39 -9.10 26.98 -20.79
CA LEU B 39 -8.88 27.70 -19.51
C LEU B 39 -7.56 27.36 -18.84
N ALA B 40 -7.30 26.07 -18.65
CA ALA B 40 -6.05 25.62 -18.06
C ALA B 40 -4.84 26.14 -18.85
N LYS B 41 -4.88 26.02 -20.18
CA LYS B 41 -3.84 26.57 -21.05
C LYS B 41 -3.58 28.05 -20.74
N GLU B 42 -4.63 28.86 -20.88
CA GLU B 42 -4.61 30.28 -20.54
C GLU B 42 -4.08 30.55 -19.12
N LEU B 43 -4.52 29.78 -18.14
CA LEU B 43 -4.10 30.00 -16.74
C LEU B 43 -2.64 29.64 -16.49
N PHE B 44 -2.13 28.69 -17.26
CA PHE B 44 -0.70 28.36 -17.23
C PHE B 44 0.12 29.49 -17.82
N GLU B 45 -0.31 29.96 -18.99
CA GLU B 45 0.23 31.16 -19.63
C GLU B 45 0.27 32.37 -18.68
N ARG B 46 -0.83 32.66 -18.00
CA ARG B 46 -0.84 33.83 -17.11
C ARG B 46 0.09 33.65 -15.90
N ALA B 47 0.21 32.40 -15.42
CA ALA B 47 0.96 32.10 -14.22
C ALA B 47 2.45 32.20 -14.46
N SER B 48 2.92 31.55 -15.53
CA SER B 48 4.34 31.55 -15.86
C SER B 48 4.79 32.95 -16.28
N ASN B 49 3.82 33.77 -16.65
CA ASN B 49 4.05 35.18 -16.90
C ASN B 49 4.20 36.01 -15.63
N ALA B 50 3.37 35.72 -14.62
CA ALA B 50 3.44 36.40 -13.33
C ALA B 50 4.68 35.95 -12.56
N LEU B 51 5.04 34.69 -12.70
CA LEU B 51 6.13 34.16 -11.91
C LEU B 51 7.47 34.19 -12.61
N LYS B 52 7.50 34.74 -13.83
CA LYS B 52 8.74 34.91 -14.63
C LYS B 52 9.54 33.62 -14.76
N VAL B 53 8.85 32.49 -14.81
CA VAL B 53 9.45 31.20 -15.15
C VAL B 53 8.48 30.47 -16.05
N ASP B 54 8.92 29.36 -16.63
CA ASP B 54 8.02 28.51 -17.38
C ASP B 54 7.27 27.52 -16.45
N MET B 55 6.03 27.83 -16.12
CA MET B 55 5.25 26.93 -15.27
C MET B 55 4.91 25.63 -15.97
N LYS B 56 4.68 25.73 -17.28
CA LYS B 56 4.49 24.59 -18.18
C LYS B 56 5.65 23.60 -18.04
N LYS B 57 6.88 24.13 -18.08
CA LYS B 57 8.10 23.33 -17.96
C LYS B 57 8.31 22.85 -16.53
N THR B 58 8.17 23.76 -15.56
CA THR B 58 8.40 23.46 -14.15
C THR B 58 7.58 22.26 -13.61
N LEU B 59 6.33 22.11 -14.05
CA LEU B 59 5.47 21.00 -13.56
C LEU B 59 5.41 19.77 -14.47
N PHE B 60 5.70 19.95 -15.77
CA PHE B 60 5.52 18.87 -16.73
C PHE B 60 6.75 17.99 -16.92
N GLU B 61 7.93 18.58 -16.73
CA GLU B 61 9.19 17.88 -17.00
C GLU B 61 10.08 17.86 -15.77
N GLU B 62 11.07 16.99 -15.80
CA GLU B 62 12.03 16.93 -14.72
C GLU B 62 12.85 18.22 -14.72
N ASN B 63 12.84 18.91 -13.58
CA ASN B 63 13.56 20.17 -13.41
C ASN B 63 14.04 20.33 -11.97
N GLU B 64 14.95 21.27 -11.76
CA GLU B 64 15.53 21.52 -10.43
C GLU B 64 14.74 22.55 -9.60
N LEU B 65 13.80 23.23 -10.24
CA LEU B 65 13.04 24.31 -9.59
C LEU B 65 11.92 23.78 -8.68
N LEU B 66 11.32 22.67 -9.10
CA LEU B 66 10.20 22.06 -8.40
C LEU B 66 10.67 21.45 -7.08
N LYS B 67 11.99 21.36 -6.90
CA LYS B 67 12.58 20.92 -5.62
C LYS B 67 12.60 22.08 -4.61
N GLU B 68 12.18 23.26 -5.04
CA GLU B 68 12.17 24.43 -4.18
C GLU B 68 10.77 24.81 -3.69
N SER B 69 10.66 24.98 -2.36
CA SER B 69 9.44 25.47 -1.72
C SER B 69 8.82 26.64 -2.52
N ALA B 70 9.67 27.58 -2.92
CA ALA B 70 9.26 28.76 -3.68
C ALA B 70 8.61 28.43 -5.01
N TYR B 71 8.74 27.19 -5.48
CA TYR B 71 8.07 26.82 -6.73
C TYR B 71 7.04 25.73 -6.55
N THR B 72 7.25 24.86 -5.57
CA THR B 72 6.23 23.87 -5.25
C THR B 72 4.96 24.52 -4.75
N GLN B 73 5.09 25.52 -3.88
CA GLN B 73 3.92 26.14 -3.30
C GLN B 73 3.02 26.85 -4.32
N PRO B 74 3.60 27.65 -5.24
CA PRO B 74 2.74 28.17 -6.31
C PRO B 74 2.27 27.13 -7.36
N ALA B 75 3.06 26.08 -7.59
CA ALA B 75 2.58 24.98 -8.45
C ALA B 75 1.33 24.27 -7.89
N ILE B 76 1.37 23.85 -6.63
CA ILE B 76 0.22 23.20 -5.99
C ILE B 76 -1.02 24.09 -6.09
N TYR B 77 -0.83 25.37 -5.84
CA TYR B 77 -1.89 26.38 -5.93
C TYR B 77 -2.46 26.52 -7.34
N LEU B 78 -1.57 26.67 -8.32
CA LEU B 78 -1.96 26.72 -9.73
C LEU B 78 -2.91 25.59 -10.04
N VAL B 79 -2.47 24.36 -9.87
CA VAL B 79 -3.33 23.19 -10.13
C VAL B 79 -4.61 23.19 -9.29
N SER B 80 -4.52 23.54 -8.00
CA SER B 80 -5.76 23.67 -7.21
C SER B 80 -6.68 24.70 -7.81
N TYR B 81 -6.11 25.84 -8.23
CA TYR B 81 -6.90 26.92 -8.85
C TYR B 81 -7.65 26.46 -10.11
N ILE B 82 -6.96 25.73 -10.98
CA ILE B 82 -7.53 25.32 -12.25
C ILE B 82 -8.64 24.29 -11.99
N ALA B 83 -8.35 23.34 -11.10
CA ALA B 83 -9.33 22.33 -10.68
C ALA B 83 -10.62 23.05 -10.33
N TYR B 84 -10.50 24.03 -9.42
CA TYR B 84 -11.65 24.79 -8.96
C TYR B 84 -12.37 25.46 -10.11
N GLN B 85 -11.61 26.11 -10.98
CA GLN B 85 -12.24 26.84 -12.07
C GLN B 85 -12.97 25.91 -13.03
N LEU B 86 -12.34 24.79 -13.39
CA LEU B 86 -12.97 23.85 -14.33
C LEU B 86 -14.23 23.22 -13.78
N LEU B 87 -14.20 22.86 -12.49
CA LEU B 87 -15.37 22.28 -11.87
C LEU B 87 -16.45 23.32 -11.82
N ASN B 88 -16.05 24.54 -11.45
CA ASN B 88 -16.99 25.62 -11.24
C ASN B 88 -17.79 25.98 -12.51
N LYS B 89 -17.13 25.96 -13.67
CA LYS B 89 -17.79 26.23 -14.95
C LYS B 89 -18.91 25.25 -15.23
N GLN B 90 -18.72 23.99 -14.85
CA GLN B 90 -19.75 22.97 -15.05
C GLN B 90 -20.73 22.76 -13.90
N ALA B 91 -20.54 23.46 -12.78
CA ALA B 91 -21.37 23.18 -11.63
C ALA B 91 -22.74 23.81 -11.78
N ASN B 92 -23.76 23.06 -11.36
CA ASN B 92 -25.10 23.56 -11.04
C ASN B 92 -25.33 24.96 -11.58
N GLY B 93 -24.89 25.93 -10.77
CA GLY B 93 -24.69 27.33 -11.13
C GLY B 93 -23.58 27.80 -10.19
N GLY B 94 -22.37 27.26 -10.39
CA GLY B 94 -21.21 27.59 -9.58
C GLY B 94 -21.11 26.76 -8.30
N LEU B 95 -19.87 26.48 -7.88
CA LEU B 95 -19.57 25.81 -6.61
C LEU B 95 -20.03 26.63 -5.41
N LYS B 96 -20.71 25.98 -4.48
CA LYS B 96 -21.21 26.63 -3.27
C LYS B 96 -20.94 25.66 -2.14
N PRO B 97 -19.69 25.59 -1.66
CA PRO B 97 -19.40 24.61 -0.63
C PRO B 97 -19.86 25.12 0.72
N VAL B 98 -20.21 24.23 1.64
CA VAL B 98 -20.55 24.71 2.98
C VAL B 98 -19.29 25.24 3.74
N PHE B 99 -18.10 24.68 3.43
CA PHE B 99 -16.83 25.22 3.90
C PHE B 99 -15.65 24.72 3.11
N ALA B 100 -14.51 25.39 3.27
CA ALA B 100 -13.25 24.98 2.68
C ALA B 100 -12.20 24.72 3.74
N LEU B 101 -11.38 23.72 3.50
CA LEU B 101 -10.33 23.35 4.41
C LEU B 101 -9.09 23.05 3.59
N GLY B 102 -8.00 23.50 4.02
CA GLY B 102 -6.71 23.34 3.35
C GLY B 102 -5.66 22.83 4.34
N HIS B 103 -4.58 22.28 3.82
CA HIS B 103 -3.50 21.76 4.66
C HIS B 103 -2.21 22.54 4.44
N SER B 104 -1.84 23.34 5.43
CA SER B 104 -0.82 24.38 5.25
C SER B 104 -1.11 25.21 4.01
N LEU B 105 -0.16 25.22 3.07
CA LEU B 105 -0.22 26.11 1.92
C LEU B 105 -1.59 26.08 1.27
N GLY B 106 -2.31 24.97 1.45
CA GLY B 106 -3.65 24.85 0.94
C GLY B 106 -4.64 25.81 1.56
N GLU B 107 -4.33 26.29 2.77
CA GLU B 107 -5.19 27.28 3.42
C GLU B 107 -5.21 28.59 2.65
N VAL B 108 -4.04 29.01 2.16
CA VAL B 108 -3.92 30.16 1.25
C VAL B 108 -4.82 29.97 0.02
N SER B 109 -4.67 28.82 -0.64
CA SER B 109 -5.47 28.44 -1.80
C SER B 109 -6.94 28.67 -1.52
N ALA B 110 -7.39 28.13 -0.38
CA ALA B 110 -8.78 28.19 0.00
C ALA B 110 -9.21 29.62 0.22
N VAL B 111 -8.35 30.44 0.82
CA VAL B 111 -8.65 31.86 0.98
C VAL B 111 -8.78 32.53 -0.41
N SER B 112 -7.88 32.17 -1.34
CA SER B 112 -7.90 32.73 -2.70
C SER B 112 -9.22 32.44 -3.41
N LEU B 113 -9.53 31.17 -3.59
CA LEU B 113 -10.74 30.77 -4.34
C LEU B 113 -12.02 31.16 -3.66
N SER B 114 -11.95 31.54 -2.38
CA SER B 114 -13.12 32.08 -1.70
C SER B 114 -13.37 33.52 -2.16
N GLY B 115 -12.37 34.10 -2.85
CA GLY B 115 -12.48 35.41 -3.47
C GLY B 115 -11.58 36.51 -2.91
N ALA B 116 -10.77 36.19 -1.89
CA ALA B 116 -9.95 37.21 -1.19
C ALA B 116 -8.58 37.51 -1.82
N LEU B 117 -8.15 36.63 -2.70
CA LEU B 117 -6.86 36.74 -3.34
C LEU B 117 -7.04 36.40 -4.82
N ASP B 118 -6.69 37.33 -5.70
CA ASP B 118 -6.77 37.14 -7.15
C ASP B 118 -5.65 36.23 -7.62
N PHE B 119 -5.98 35.44 -8.63
CA PHE B 119 -5.05 34.49 -9.21
C PHE B 119 -3.59 34.96 -9.16
N GLU B 120 -3.26 36.01 -9.93
CA GLU B 120 -1.87 36.48 -10.06
C GLU B 120 -1.19 36.79 -8.72
N LYS B 121 -1.87 37.54 -7.86
CA LYS B 121 -1.36 37.91 -6.54
C LYS B 121 -1.17 36.70 -5.59
N ALA B 122 -2.00 35.68 -5.81
CA ALA B 122 -1.86 34.43 -5.09
C ALA B 122 -0.60 33.69 -5.52
N LEU B 123 -0.35 33.59 -6.83
CA LEU B 123 0.90 33.00 -7.31
C LEU B 123 2.11 33.67 -6.67
N LYS B 124 2.09 35.00 -6.61
CA LYS B 124 3.22 35.74 -6.09
C LYS B 124 3.33 35.57 -4.59
N LEU B 125 2.18 35.57 -3.89
CA LEU B 125 2.19 35.43 -2.43
C LEU B 125 2.58 34.02 -1.98
N THR B 126 2.23 33.02 -2.77
CA THR B 126 2.63 31.63 -2.46
C THR B 126 4.06 31.39 -2.85
N HIS B 127 4.53 32.06 -3.90
CA HIS B 127 5.95 32.01 -4.23
C HIS B 127 6.73 32.60 -3.07
N GLN B 128 6.18 33.65 -2.51
CA GLN B 128 6.86 34.40 -1.48
C GLN B 128 6.85 33.63 -0.16
N ARG B 129 5.77 32.89 0.10
CA ARG B 129 5.69 32.01 1.26
C ARG B 129 6.75 30.92 1.22
N GLY B 130 6.89 30.27 0.07
CA GLY B 130 7.91 29.26 -0.10
C GLY B 130 9.28 29.88 0.09
N LYS B 131 9.48 31.03 -0.55
CA LYS B 131 10.79 31.71 -0.53
C LYS B 131 11.16 32.17 0.87
N MET B 132 10.18 32.64 1.61
CA MET B 132 10.41 33.10 2.98
C MET B 132 10.63 31.97 3.97
N MET B 133 10.10 30.78 3.67
CA MET B 133 10.37 29.60 4.49
C MET B 133 11.79 29.07 4.30
N GLN B 134 12.27 29.04 3.05
CA GLN B 134 13.65 28.64 2.82
C GLN B 134 14.62 29.61 3.49
N GLU B 135 14.45 30.91 3.24
CA GLU B 135 15.30 31.96 3.80
C GLU B 135 15.41 31.87 5.32
N ALA B 136 14.28 31.63 5.97
CA ALA B 136 14.22 31.59 7.40
C ALA B 136 14.99 30.41 7.96
N CYS B 137 14.97 29.30 7.23
CA CYS B 137 15.58 28.05 7.68
C CYS B 137 17.01 27.86 7.16
N ALA B 138 17.50 28.84 6.40
CA ALA B 138 18.86 28.85 5.87
C ALA B 138 19.88 28.78 6.99
N ASN B 139 20.83 27.86 6.81
CA ASN B 139 21.92 27.63 7.76
C ASN B 139 21.40 27.36 9.16
N LYS B 140 20.61 26.30 9.27
CA LYS B 140 20.11 25.83 10.56
C LYS B 140 19.84 24.34 10.41
N ASP B 141 20.19 23.79 9.24
CA ASP B 141 20.01 22.36 8.96
C ASP B 141 18.60 21.88 9.32
N ALA B 142 17.60 22.71 9.04
CA ALA B 142 16.21 22.43 9.38
C ALA B 142 15.66 21.26 8.58
N SER B 143 14.66 20.57 9.13
CA SER B 143 14.02 19.43 8.47
C SER B 143 12.64 19.11 9.05
N MET B 144 11.94 18.19 8.41
CA MET B 144 10.68 17.69 8.93
C MET B 144 10.63 16.16 8.85
N MET B 145 10.09 15.54 9.90
CA MET B 145 10.09 14.09 10.04
C MET B 145 8.68 13.56 10.27
N VAL B 146 8.27 12.59 9.46
CA VAL B 146 6.97 11.96 9.63
C VAL B 146 7.07 10.81 10.64
N VAL B 147 6.20 10.88 11.66
CA VAL B 147 6.05 9.82 12.65
C VAL B 147 4.68 9.19 12.50
N LEU B 148 4.66 7.87 12.31
CA LEU B 148 3.40 7.12 12.29
C LEU B 148 3.38 6.08 13.42
N GLY B 149 2.30 6.11 14.20
CA GLY B 149 2.10 5.16 15.30
C GLY B 149 2.42 5.60 16.71
N VAL B 150 2.22 6.89 17.04
CA VAL B 150 2.53 7.39 18.38
C VAL B 150 1.52 8.49 18.74
N SER B 151 0.83 8.34 19.87
CA SER B 151 -0.25 9.26 20.22
C SER B 151 0.16 10.73 20.05
N GLU B 152 -0.81 11.54 19.63
CA GLU B 152 -0.64 12.96 19.40
C GLU B 152 -0.54 13.76 20.70
N GLU B 153 -0.15 13.09 21.78
CA GLU B 153 -0.10 13.70 23.11
C GLU B 153 1.18 13.30 23.85
N SER B 154 1.64 12.07 23.62
CA SER B 154 2.93 11.63 24.13
C SER B 154 4.07 12.20 23.29
N LEU B 155 3.81 12.43 22.01
CA LEU B 155 4.72 13.20 21.14
C LEU B 155 4.78 14.68 21.53
N LEU B 156 3.67 15.21 22.05
CA LEU B 156 3.61 16.59 22.53
C LEU B 156 4.45 16.78 23.80
N SER B 157 4.50 15.73 24.63
CA SER B 157 5.25 15.77 25.87
C SER B 157 6.75 15.84 25.61
N LEU B 158 7.22 15.04 24.66
CA LEU B 158 8.66 14.95 24.35
C LEU B 158 9.22 16.23 23.75
N CYS B 159 8.47 16.82 22.82
CA CYS B 159 8.87 18.05 22.16
C CYS B 159 8.99 19.17 23.17
N GLN B 160 8.25 19.02 24.26
CA GLN B 160 8.24 19.93 25.40
C GLN B 160 9.52 19.79 26.23
N ARG B 161 10.25 18.69 26.02
CA ARG B 161 11.49 18.41 26.76
C ARG B 161 12.72 18.47 25.87
N THR B 162 12.55 18.06 24.61
CA THR B 162 13.61 18.07 23.62
C THR B 162 13.69 19.45 23.00
N LYS B 163 14.91 19.94 22.84
CA LYS B 163 15.11 21.21 22.16
C LYS B 163 15.18 20.97 20.64
N ASN B 164 15.08 22.05 19.86
CA ASN B 164 15.18 22.00 18.39
C ASN B 164 14.21 21.02 17.73
N VAL B 165 13.07 20.82 18.39
CA VAL B 165 12.07 19.86 17.97
C VAL B 165 10.70 20.31 18.46
N TRP B 166 9.77 20.51 17.52
CA TRP B 166 8.39 20.82 17.85
C TRP B 166 7.48 19.89 17.09
N CYS B 167 6.20 19.88 17.47
CA CYS B 167 5.15 19.28 16.64
C CYS B 167 4.74 20.23 15.49
N ALA B 168 4.47 19.69 14.30
CA ALA B 168 4.13 20.51 13.12
C ALA B 168 2.78 20.19 12.50
N ASN B 169 2.48 18.91 12.29
CA ASN B 169 1.19 18.48 11.74
C ASN B 169 0.55 17.43 12.62
N PHE B 170 -0.72 17.63 12.95
CA PHE B 170 -1.52 16.54 13.47
C PHE B 170 -2.43 16.11 12.35
N ASN B 171 -2.03 15.03 11.66
CA ASN B 171 -2.70 14.65 10.43
C ASN B 171 -3.75 13.58 10.58
N GLY B 172 -3.88 13.05 11.81
CA GLY B 172 -4.84 12.00 12.11
C GLY B 172 -4.22 10.64 11.87
N GLY B 173 -4.97 9.57 12.14
CA GLY B 173 -4.44 8.20 12.05
C GLY B 173 -3.04 8.11 12.64
N MET B 174 -2.82 8.83 13.75
CA MET B 174 -1.52 8.92 14.42
C MET B 174 -0.31 9.20 13.50
N GLN B 175 -0.55 9.90 12.39
CA GLN B 175 0.54 10.47 11.61
C GLN B 175 0.79 11.88 12.12
N VAL B 176 1.98 12.10 12.66
CA VAL B 176 2.35 13.38 13.21
C VAL B 176 3.70 13.82 12.63
N VAL B 177 3.74 15.00 12.03
CA VAL B 177 4.99 15.56 11.49
C VAL B 177 5.71 16.41 12.54
N LEU B 178 7.00 16.17 12.70
CA LEU B 178 7.82 16.93 13.62
C LEU B 178 8.76 17.83 12.86
N ALA B 179 9.17 18.93 13.49
CA ALA B 179 10.00 19.93 12.83
C ALA B 179 11.19 20.37 13.67
N GLY B 180 12.30 20.66 13.00
CA GLY B 180 13.48 21.18 13.67
C GLY B 180 14.79 20.86 12.95
N VAL B 181 15.86 20.79 13.75
CA VAL B 181 17.21 20.51 13.25
C VAL B 181 17.31 19.05 12.84
N LYS B 182 17.92 18.81 11.68
CA LYS B 182 18.11 17.45 11.12
C LYS B 182 18.71 16.46 12.11
N ASP B 183 19.75 16.88 12.83
CA ASP B 183 20.41 16.04 13.83
C ASP B 183 19.49 15.62 15.00
N ASP B 184 18.81 16.60 15.61
CA ASP B 184 17.99 16.36 16.78
C ASP B 184 16.81 15.44 16.49
N LEU B 185 16.23 15.55 15.30
CA LEU B 185 15.20 14.62 14.84
C LEU B 185 15.84 13.23 14.66
N LYS B 186 16.90 13.20 13.86
CA LYS B 186 17.65 11.99 13.50
C LYS B 186 18.12 11.20 14.73
N ALA B 187 18.62 11.90 15.76
CA ALA B 187 19.06 11.27 17.01
C ALA B 187 17.93 11.07 18.02
N LEU B 188 16.69 11.17 17.55
CA LEU B 188 15.51 10.97 18.39
C LEU B 188 14.69 9.74 17.97
N GLU B 189 15.17 9.04 16.94
CA GLU B 189 14.51 7.85 16.41
C GLU B 189 14.53 6.59 17.33
N PRO B 190 15.64 6.36 18.09
CA PRO B 190 15.61 5.30 19.10
C PRO B 190 14.43 5.40 20.06
N THR B 191 14.32 6.52 20.76
CA THR B 191 13.24 6.72 21.74
C THR B 191 11.84 6.61 21.11
N LEU B 192 11.75 6.99 19.84
CA LEU B 192 10.51 6.88 19.10
C LEU B 192 10.21 5.42 18.76
N LYS B 193 11.27 4.65 18.54
CA LYS B 193 11.14 3.22 18.31
C LYS B 193 10.62 2.54 19.58
N GLU B 194 11.04 3.07 20.73
CA GLU B 194 10.59 2.57 22.04
C GLU B 194 9.09 2.73 22.25
N MET B 195 8.54 3.84 21.78
CA MET B 195 7.12 4.17 21.97
C MET B 195 6.25 3.52 20.89
N GLY B 196 6.81 2.50 20.23
CA GLY B 196 6.13 1.74 19.19
C GLY B 196 5.89 2.54 17.92
N ALA B 197 6.94 3.16 17.39
CA ALA B 197 6.81 3.85 16.11
C ALA B 197 6.89 2.81 15.00
N LYS B 198 5.86 2.79 14.15
CA LYS B 198 5.76 1.81 13.07
C LYS B 198 6.54 2.22 11.81
N ARG B 199 6.97 3.48 11.79
CA ARG B 199 7.77 4.05 10.69
C ARG B 199 8.21 5.46 11.07
N VAL B 200 9.36 5.87 10.55
CA VAL B 200 9.87 7.22 10.79
C VAL B 200 10.61 7.67 9.53
N VAL B 201 9.99 8.56 8.76
CA VAL B 201 10.59 9.00 7.52
C VAL B 201 10.80 10.50 7.46
N PHE B 202 12.00 10.90 7.07
CA PHE B 202 12.33 12.29 6.83
C PHE B 202 11.73 12.76 5.50
N LEU B 203 11.41 14.04 5.45
CA LEU B 203 10.81 14.65 4.26
C LEU B 203 11.86 15.42 3.47
N GLU B 204 11.87 15.21 2.15
CA GLU B 204 12.87 15.82 1.28
C GLU B 204 12.67 17.34 1.21
N MET B 205 13.22 18.03 2.20
CA MET B 205 13.13 19.49 2.34
C MET B 205 14.03 19.98 3.47
N SER B 206 14.89 20.96 3.17
CA SER B 206 15.73 21.57 4.19
C SER B 206 14.99 22.76 4.81
N VAL B 207 13.71 22.53 5.14
CA VAL B 207 12.84 23.53 5.79
C VAL B 207 12.02 22.88 6.91
N ALA B 208 11.78 23.64 7.97
CA ALA B 208 11.01 23.16 9.11
C ALA B 208 9.86 24.11 9.47
N SER B 209 8.71 23.94 8.82
CA SER B 209 7.56 24.81 9.06
C SER B 209 6.80 24.53 10.35
N HIS B 210 5.90 25.46 10.69
CA HIS B 210 4.92 25.31 11.76
C HIS B 210 5.54 25.17 13.13
N CYS B 211 6.56 25.98 13.38
CA CYS B 211 7.21 26.07 14.67
C CYS B 211 8.01 27.38 14.69
N PRO B 212 8.55 27.76 15.87
CA PRO B 212 9.36 28.96 16.03
C PRO B 212 10.43 29.28 14.97
N PHE B 213 10.88 28.30 14.18
CA PHE B 213 11.86 28.58 13.11
C PHE B 213 11.42 29.63 12.09
N LEU B 214 10.11 29.86 12.02
CA LEU B 214 9.55 30.72 11.02
C LEU B 214 9.24 32.12 11.53
N GLU B 215 9.63 32.42 12.77
CA GLU B 215 9.50 33.77 13.31
C GLU B 215 10.02 34.88 12.38
N PRO B 216 11.30 34.80 11.94
CA PRO B 216 11.82 35.84 11.05
C PRO B 216 10.88 36.29 9.92
N MET B 217 10.10 35.35 9.34
CA MET B 217 9.22 35.66 8.19
C MET B 217 7.81 36.18 8.51
N ILE B 218 7.37 36.04 9.74
CA ILE B 218 5.98 36.36 10.07
C ILE B 218 5.58 37.79 9.72
N PHE B 219 6.37 38.76 10.18
CA PHE B 219 6.04 40.17 10.01
C PHE B 219 6.04 40.65 8.56
N LYS B 220 7.03 40.22 7.77
CA LYS B 220 7.06 40.54 6.35
C LYS B 220 5.86 39.89 5.67
N PHE B 221 5.54 38.66 6.10
CA PHE B 221 4.45 37.92 5.51
C PHE B 221 3.12 38.59 5.83
N GLN B 222 2.94 38.98 7.08
CA GLN B 222 1.79 39.76 7.51
C GLN B 222 1.59 40.98 6.61
N GLU B 223 2.67 41.71 6.36
CA GLU B 223 2.65 42.87 5.46
C GLU B 223 2.13 42.45 4.06
N LEU B 224 2.72 41.40 3.50
CA LEU B 224 2.26 40.89 2.20
C LEU B 224 0.79 40.51 2.18
N LEU B 225 0.28 39.94 3.29
CA LEU B 225 -1.12 39.55 3.38
C LEU B 225 -2.03 40.76 3.38
N GLU B 226 -1.59 41.80 4.06
CA GLU B 226 -2.32 43.07 4.18
C GLU B 226 -2.45 43.79 2.84
N LYS B 227 -1.30 43.94 2.16
CA LYS B 227 -1.25 44.56 0.85
C LYS B 227 -2.23 43.91 -0.13
N SER B 228 -2.19 42.57 -0.24
CA SER B 228 -2.92 41.85 -1.32
C SER B 228 -4.28 41.21 -1.02
N LEU B 229 -4.61 41.00 0.26
CA LEU B 229 -5.95 40.44 0.58
C LEU B 229 -7.03 41.45 0.28
N LYS B 230 -8.17 40.96 -0.19
CA LYS B 230 -9.21 41.85 -0.68
C LYS B 230 -10.57 41.71 0.02
N ASP B 231 -10.67 40.91 1.07
CA ASP B 231 -11.94 40.83 1.82
C ASP B 231 -13.21 40.55 0.98
N LYS B 232 -13.14 39.55 0.11
CA LYS B 232 -14.34 38.95 -0.47
C LYS B 232 -14.23 37.47 -0.12
N PHE B 233 -15.25 36.97 0.57
CA PHE B 233 -15.23 35.62 1.04
C PHE B 233 -16.57 35.01 0.71
N HIS B 234 -16.62 34.24 -0.37
CA HIS B 234 -17.86 33.58 -0.76
C HIS B 234 -18.16 32.34 0.09
N PHE B 235 -17.14 31.80 0.76
CA PHE B 235 -17.35 30.69 1.68
C PHE B 235 -16.30 30.71 2.78
N GLU B 236 -16.61 30.05 3.90
CA GLU B 236 -15.71 30.08 5.05
C GLU B 236 -14.53 29.13 4.91
N ILE B 237 -13.46 29.45 5.62
CA ILE B 237 -12.25 28.69 5.67
C ILE B 237 -12.02 28.29 7.12
N ILE B 238 -11.60 27.05 7.34
CA ILE B 238 -11.31 26.57 8.67
C ILE B 238 -9.82 26.77 8.92
N SER B 239 -9.51 27.45 10.02
CA SER B 239 -8.13 27.71 10.40
C SER B 239 -7.42 26.42 10.83
N ASN B 240 -6.24 26.15 10.23
CA ASN B 240 -5.33 25.08 10.67
C ASN B 240 -4.76 25.43 12.05
N ALA B 241 -4.67 26.73 12.34
CA ALA B 241 -4.09 27.20 13.59
C ALA B 241 -5.03 26.96 14.78
N THR B 242 -6.26 27.45 14.68
CA THR B 242 -7.17 27.51 15.82
C THR B 242 -8.41 26.62 15.73
N ASN B 243 -8.61 25.91 14.62
CA ASN B 243 -9.82 25.14 14.35
C ASN B 243 -11.07 26.01 14.34
N GLU B 244 -10.99 27.17 13.73
CA GLU B 244 -12.15 28.05 13.68
C GLU B 244 -12.39 28.57 12.27
N ALA B 245 -13.66 28.63 11.90
CA ALA B 245 -14.07 29.13 10.62
C ALA B 245 -13.87 30.63 10.63
N TYR B 246 -13.32 31.14 9.54
CA TYR B 246 -13.24 32.57 9.33
C TYR B 246 -13.68 32.94 7.92
N HIS B 247 -14.01 34.22 7.72
CA HIS B 247 -14.51 34.68 6.44
C HIS B 247 -14.41 36.19 6.22
N ASN B 248 -13.33 36.79 6.74
CA ASN B 248 -12.97 38.16 6.39
C ASN B 248 -11.47 38.39 6.42
N LYS B 249 -11.06 39.53 5.86
CA LYS B 249 -9.65 39.86 5.63
C LYS B 249 -8.80 39.97 6.89
N ALA B 250 -9.33 40.61 7.92
CA ALA B 250 -8.57 40.83 9.14
C ALA B 250 -8.24 39.48 9.76
N LYS B 251 -9.26 38.68 10.03
CA LYS B 251 -9.10 37.29 10.45
C LYS B 251 -8.10 36.51 9.59
N ALA B 252 -8.19 36.68 8.27
CA ALA B 252 -7.31 36.00 7.32
C ALA B 252 -5.87 36.43 7.51
N VAL B 253 -5.61 37.73 7.50
CA VAL B 253 -4.26 38.28 7.78
C VAL B 253 -3.66 37.64 9.03
N GLU B 254 -4.47 37.52 10.08
CA GLU B 254 -4.07 37.02 11.38
C GLU B 254 -3.91 35.50 11.46
N LEU B 255 -4.80 34.78 10.79
CA LEU B 255 -4.80 33.32 10.85
C LEU B 255 -3.86 32.67 9.84
N LEU B 256 -3.53 33.37 8.76
CA LEU B 256 -2.54 32.87 7.81
C LEU B 256 -1.11 33.22 8.26
N SER B 257 -1.01 34.04 9.30
CA SER B 257 0.28 34.34 9.92
C SER B 257 0.49 33.35 11.02
N LEU B 258 -0.49 33.29 11.93
CA LEU B 258 -0.42 32.41 13.07
C LEU B 258 -0.16 30.97 12.65
N GLN B 259 -0.80 30.55 11.55
CA GLN B 259 -0.62 29.22 10.95
C GLN B 259 0.85 28.81 10.87
N LEU B 260 1.68 29.74 10.42
CA LEU B 260 3.09 29.47 10.15
C LEU B 260 3.93 29.01 11.36
N THR B 261 3.70 29.57 12.55
CA THR B 261 4.49 29.20 13.75
C THR B 261 3.85 28.10 14.61
N GLN B 262 2.68 27.62 14.18
CA GLN B 262 1.84 26.74 14.96
C GLN B 262 1.70 25.40 14.26
N PRO B 263 1.32 24.35 15.01
CA PRO B 263 1.04 23.06 14.40
C PRO B 263 -0.25 23.12 13.57
N VAL B 264 -0.27 22.42 12.44
CA VAL B 264 -1.45 22.20 11.58
C VAL B 264 -2.43 21.18 12.18
N ARG B 265 -3.60 21.65 12.59
CA ARG B 265 -4.57 20.84 13.32
C ARG B 265 -5.55 20.18 12.37
N TYR B 266 -4.99 19.38 11.47
CA TYR B 266 -5.77 18.83 10.40
C TYR B 266 -6.81 17.86 10.96
N GLN B 267 -6.41 17.07 11.95
CA GLN B 267 -7.29 16.14 12.66
C GLN B 267 -8.51 16.85 13.20
N ASP B 268 -8.29 17.81 14.09
CA ASP B 268 -9.34 18.59 14.70
C ASP B 268 -10.23 19.26 13.65
N CYS B 269 -9.63 19.74 12.57
CA CYS B 269 -10.38 20.46 11.53
C CYS B 269 -11.38 19.55 10.88
N VAL B 270 -10.91 18.37 10.47
CA VAL B 270 -11.80 17.43 9.82
C VAL B 270 -12.87 16.95 10.79
N LYS B 271 -12.44 16.63 12.00
CA LYS B 271 -13.34 15.97 12.95
C LYS B 271 -14.52 16.84 13.35
N SER B 272 -14.24 18.11 13.61
CA SER B 272 -15.26 19.03 14.10
C SER B 272 -16.02 19.73 13.00
N ASN B 273 -15.87 19.24 11.78
CA ASN B 273 -16.63 19.77 10.64
C ASN B 273 -17.24 18.66 9.75
N ASN B 274 -16.69 17.45 9.86
CA ASN B 274 -17.22 16.26 9.20
C ASN B 274 -18.74 16.19 9.07
N ASP B 275 -19.41 16.47 10.18
CA ASP B 275 -20.86 16.34 10.32
C ASP B 275 -21.71 17.21 9.39
N ARG B 276 -21.27 18.45 9.17
CA ARG B 276 -22.04 19.39 8.34
C ARG B 276 -21.94 19.15 6.84
N VAL B 277 -21.35 18.01 6.47
CA VAL B 277 -21.09 17.71 5.06
C VAL B 277 -21.33 16.23 4.68
N ASP B 278 -21.70 15.97 3.42
CA ASP B 278 -21.86 14.59 2.90
C ASP B 278 -20.63 14.05 2.13
N ILE B 279 -19.86 14.95 1.53
CA ILE B 279 -18.71 14.57 0.72
C ILE B 279 -17.70 15.72 0.61
N PHE B 280 -16.45 15.38 0.29
CA PHE B 280 -15.37 16.35 0.06
C PHE B 280 -14.85 16.31 -1.40
N PHE B 281 -14.55 17.48 -1.96
CA PHE B 281 -13.83 17.57 -3.24
C PHE B 281 -12.40 17.98 -2.97
N GLU B 282 -11.45 17.11 -3.23
CA GLU B 282 -10.09 17.49 -3.05
C GLU B 282 -9.68 18.12 -4.37
N LEU B 283 -9.54 19.44 -4.36
CA LEU B 283 -9.24 20.18 -5.58
C LEU B 283 -7.75 20.33 -5.68
N GLY B 284 -7.18 19.80 -6.75
CA GLY B 284 -5.74 19.95 -6.95
C GLY B 284 -5.09 18.62 -7.14
N CYS B 285 -3.77 18.61 -7.28
CA CYS B 285 -3.04 17.41 -7.59
C CYS B 285 -2.90 16.53 -6.36
N GLY B 286 -2.85 15.22 -6.60
CA GLY B 286 -2.69 14.22 -5.56
C GLY B 286 -4.00 13.74 -4.98
N SER B 287 -3.90 12.79 -4.07
CA SER B 287 -5.02 12.36 -3.26
C SER B 287 -4.55 12.20 -1.81
N VAL B 288 -3.60 13.07 -1.43
CA VAL B 288 -3.11 13.13 -0.06
C VAL B 288 -4.23 13.35 0.98
N LEU B 289 -5.10 14.32 0.76
CA LEU B 289 -6.16 14.59 1.74
C LEU B 289 -7.25 13.51 1.74
N LYS B 290 -7.59 13.02 0.56
CA LYS B 290 -8.48 11.87 0.46
C LYS B 290 -7.95 10.81 1.41
N GLY B 291 -6.68 10.49 1.27
CA GLY B 291 -6.06 9.43 2.03
C GLY B 291 -6.07 9.68 3.52
N LEU B 292 -5.73 10.90 3.91
CA LEU B 292 -5.75 11.25 5.31
C LEU B 292 -7.16 11.15 5.91
N ASN B 293 -8.17 11.44 5.10
CA ASN B 293 -9.57 11.40 5.53
C ASN B 293 -10.12 10.01 5.77
N LYS B 294 -9.46 8.99 5.21
CA LYS B 294 -9.87 7.60 5.39
C LYS B 294 -9.83 7.25 6.86
N ARG B 295 -9.00 7.97 7.62
CA ARG B 295 -8.83 7.69 9.06
C ARG B 295 -9.47 8.73 9.99
N LEU B 296 -10.35 9.58 9.45
CA LEU B 296 -10.97 10.64 10.23
C LEU B 296 -12.47 10.81 9.97
N SER B 297 -12.93 10.29 8.83
CA SER B 297 -14.27 10.51 8.35
C SER B 297 -14.77 9.29 7.61
N ASN B 298 -16.05 9.00 7.74
CA ASN B 298 -16.69 7.98 6.92
C ASN B 298 -17.10 8.49 5.52
N LYS B 299 -17.19 9.82 5.39
CA LYS B 299 -17.61 10.46 4.15
C LYS B 299 -16.56 10.30 3.02
N PRO B 300 -17.02 10.17 1.77
CA PRO B 300 -16.08 10.00 0.67
C PRO B 300 -15.40 11.31 0.23
N THR B 301 -14.24 11.19 -0.41
CA THR B 301 -13.55 12.31 -1.05
C THR B 301 -13.30 11.99 -2.53
N ILE B 302 -13.86 12.81 -3.42
CA ILE B 302 -13.58 12.72 -4.86
C ILE B 302 -12.38 13.62 -5.15
N SER B 303 -11.29 12.98 -5.56
CA SER B 303 -10.08 13.68 -5.99
C SER B 303 -10.27 14.28 -7.37
N VAL B 304 -9.91 15.56 -7.50
CA VAL B 304 -9.97 16.23 -8.80
C VAL B 304 -8.63 16.92 -9.16
N GLY B 305 -7.72 16.12 -9.74
CA GLY B 305 -6.41 16.59 -10.20
C GLY B 305 -6.16 16.38 -11.69
N ASP B 306 -7.16 15.78 -12.35
CA ASP B 306 -7.13 15.42 -13.76
C ASP B 306 -8.55 15.28 -14.34
N ASN B 307 -8.65 15.05 -15.64
CA ASN B 307 -9.96 14.98 -16.33
C ASN B 307 -10.87 13.89 -15.81
N LYS B 308 -10.29 12.74 -15.50
CA LYS B 308 -11.03 11.65 -14.89
C LYS B 308 -11.66 12.20 -13.60
N GLY B 309 -10.82 12.66 -12.69
CA GLY B 309 -11.28 13.27 -11.43
C GLY B 309 -12.41 14.26 -11.66
N LEU B 310 -12.17 15.19 -12.58
CA LEU B 310 -13.15 16.22 -12.99
C LEU B 310 -14.51 15.69 -13.42
N ASP B 311 -14.55 14.71 -14.32
CA ASP B 311 -15.83 14.20 -14.83
C ASP B 311 -16.65 13.55 -13.73
N GLU B 312 -15.97 12.80 -12.88
CA GLU B 312 -16.52 12.11 -11.73
C GLU B 312 -17.17 13.09 -10.78
N ALA B 313 -16.52 14.23 -10.59
CA ALA B 313 -17.08 15.28 -9.74
C ALA B 313 -18.25 16.02 -10.40
N ILE B 314 -18.12 16.34 -11.69
CA ILE B 314 -19.23 16.90 -12.46
C ILE B 314 -20.44 15.98 -12.39
N GLU B 315 -20.18 14.67 -12.49
CA GLU B 315 -21.19 13.65 -12.51
C GLU B 315 -21.94 13.64 -11.18
N PHE B 316 -21.17 13.60 -10.09
CA PHE B 316 -21.76 13.60 -8.77
C PHE B 316 -22.71 14.77 -8.61
N LEU B 317 -22.30 15.94 -9.11
CA LEU B 317 -23.12 17.14 -9.01
C LEU B 317 -24.41 17.03 -9.83
N GLU B 318 -24.34 16.41 -11.00
CA GLU B 318 -25.55 16.17 -11.79
C GLU B 318 -26.54 15.33 -10.99
N GLU B 319 -26.07 14.18 -10.50
CA GLU B 319 -26.94 13.22 -9.82
C GLU B 319 -27.51 13.71 -8.46
N TYR B 320 -26.68 14.33 -7.63
CA TYR B 320 -27.09 14.67 -6.26
C TYR B 320 -27.18 16.16 -5.99
N VAL B 321 -26.62 16.92 -6.92
CA VAL B 321 -26.63 18.40 -6.97
C VAL B 321 -25.96 19.08 -5.77
#